data_7CXY
#
_entry.id   7CXY
#
_cell.length_a   119.862
_cell.length_b   119.862
_cell.length_c   67.587
_cell.angle_alpha   90.000
_cell.angle_beta   90.000
_cell.angle_gamma   120.000
#
_symmetry.space_group_name_H-M   'P 32 2 1'
#
loop_
_entity.id
_entity.type
_entity.pdbx_description
1 polymer 'Carbonic anhydrase'
2 non-polymer 'ZINC ION'
3 water water
#
_entity_poly.entity_id   1
_entity_poly.type   'polypeptide(L)'
_entity_poly.pdbx_seq_one_letter_code
;MEPSDQKVDTVPQYLKQSHERIFENNRAWVATKMKDDPAFFEKLSAGQTPEYLYIGCSDSRVPANEIMGLEAGEVFVHRN
IANLVPNTDLNVMSVINYAVRHLQVKHIVVCGHYHCGGVKAALTPSDLGLLNPWLRNVRDVYRLHEQELDGIQDATARAR
RLVELNVIESCRNVIKTAAVQQSFHERQFPVVHGWIFDVETGLLRDLEIDFEETLRDIKKIYNLAPGS
;
_entity_poly.pdbx_strand_id   A,B
#
loop_
_chem_comp.id
_chem_comp.type
_chem_comp.name
_chem_comp.formula
ZN non-polymer 'ZINC ION' 'Zn 2'
#
# COMPACT_ATOMS: atom_id res chain seq x y z
N ASP A 9 7.21 8.00 -29.46
CA ASP A 9 5.93 7.60 -28.76
C ASP A 9 5.37 8.83 -28.00
N THR A 10 4.37 9.53 -28.55
CA THR A 10 3.82 10.76 -27.90
C THR A 10 2.71 10.38 -26.92
N VAL A 11 2.55 11.17 -25.85
CA VAL A 11 1.49 11.01 -24.83
C VAL A 11 0.20 11.61 -25.39
N PRO A 12 -0.82 10.76 -25.63
CA PRO A 12 -2.19 11.21 -25.93
C PRO A 12 -2.68 12.34 -25.02
N GLN A 13 -3.26 13.39 -25.60
CA GLN A 13 -3.72 14.58 -24.85
C GLN A 13 -4.74 14.20 -23.79
N TYR A 14 -5.58 13.18 -23.99
CA TYR A 14 -6.63 12.85 -22.97
C TYR A 14 -5.94 12.45 -21.64
N LEU A 15 -4.74 11.88 -21.70
CA LEU A 15 -3.98 11.47 -20.47
C LEU A 15 -3.49 12.72 -19.73
N LYS A 16 -3.21 13.82 -20.44
CA LYS A 16 -2.82 15.11 -19.81
C LYS A 16 -4.03 15.75 -19.13
N GLN A 17 -5.23 15.64 -19.71
CA GLN A 17 -6.46 16.28 -19.17
C GLN A 17 -6.81 15.67 -17.81
N SER A 18 -6.65 14.34 -17.67
CA SER A 18 -6.91 13.59 -16.41
C SER A 18 -6.11 14.20 -15.26
N HIS A 19 -4.87 14.58 -15.53
CA HIS A 19 -3.95 15.23 -14.56
C HIS A 19 -4.64 16.44 -13.92
N GLU A 20 -5.12 17.37 -14.75
CA GLU A 20 -5.70 18.66 -14.26
C GLU A 20 -6.97 18.38 -13.46
N ARG A 21 -7.78 17.41 -13.90
CA ARG A 21 -9.01 16.98 -13.20
C ARG A 21 -8.64 16.62 -11.75
N ILE A 22 -7.55 15.87 -11.53
CA ILE A 22 -7.13 15.38 -10.18
C ILE A 22 -6.71 16.57 -9.30
N PHE A 23 -5.92 17.49 -9.85
CA PHE A 23 -5.42 18.67 -9.10
C PHE A 23 -6.59 19.60 -8.73
N GLU A 24 -7.57 19.78 -9.61
CA GLU A 24 -8.83 20.53 -9.28
C GLU A 24 -9.52 19.86 -8.07
N ASN A 25 -9.79 18.56 -8.17
CA ASN A 25 -10.41 17.74 -7.08
C ASN A 25 -9.66 17.97 -5.77
N ASN A 26 -8.33 18.02 -5.86
CA ASN A 26 -7.49 18.13 -4.65
C ASN A 26 -7.71 19.51 -4.03
N ARG A 27 -7.76 20.56 -4.86
CA ARG A 27 -8.00 21.96 -4.42
C ARG A 27 -9.38 22.07 -3.75
N ALA A 28 -10.42 21.60 -4.44
CA ALA A 28 -11.80 21.55 -3.88
C ALA A 28 -11.77 20.85 -2.51
N TRP A 29 -11.09 19.69 -2.42
CA TRP A 29 -11.01 18.90 -1.16
C TRP A 29 -10.32 19.72 -0.06
N VAL A 30 -9.26 20.46 -0.40
CA VAL A 30 -8.53 21.32 0.57
C VAL A 30 -9.46 22.47 1.02
N ALA A 31 -10.24 23.06 0.10
CA ALA A 31 -11.19 24.17 0.40
C ALA A 31 -12.20 23.72 1.47
N THR A 32 -12.91 22.63 1.19
CA THR A 32 -13.85 21.93 2.11
C THR A 32 -13.25 21.78 3.51
N LYS A 33 -12.04 21.22 3.64
CA LYS A 33 -11.46 20.88 4.96
C LYS A 33 -11.11 22.18 5.72
N MET A 34 -10.78 23.26 5.01
CA MET A 34 -10.47 24.58 5.62
C MET A 34 -11.78 25.27 6.08
N LYS A 35 -12.90 25.14 5.33
CA LYS A 35 -14.27 25.43 5.82
C LYS A 35 -14.49 24.81 7.21
N ASP A 36 -14.57 23.48 7.31
CA ASP A 36 -14.79 22.71 8.57
C ASP A 36 -13.88 23.24 9.70
N ASP A 37 -12.56 23.22 9.50
CA ASP A 37 -11.56 23.64 10.52
C ASP A 37 -10.44 24.41 9.83
N PRO A 38 -10.30 25.75 10.05
CA PRO A 38 -9.18 26.53 9.54
C PRO A 38 -7.77 25.97 9.80
N ALA A 39 -7.59 25.16 10.86
CA ALA A 39 -6.28 24.62 11.31
C ALA A 39 -6.24 23.08 11.18
N PHE A 40 -7.09 22.47 10.33
CA PHE A 40 -7.16 21.01 10.11
C PHE A 40 -5.77 20.46 9.78
N PHE A 41 -5.10 21.04 8.78
CA PHE A 41 -3.79 20.56 8.26
C PHE A 41 -2.67 20.87 9.27
N GLU A 42 -2.82 21.95 10.02
CA GLU A 42 -1.89 22.34 11.13
C GLU A 42 -1.94 21.24 12.19
N LYS A 43 -3.14 20.78 12.55
CA LYS A 43 -3.39 19.69 13.54
C LYS A 43 -2.83 18.38 12.98
N LEU A 44 -3.32 17.98 11.81
CA LEU A 44 -2.96 16.75 11.07
C LEU A 44 -1.43 16.56 11.08
N SER A 45 -0.67 17.61 10.75
CA SER A 45 0.81 17.56 10.58
C SER A 45 1.56 17.66 11.92
N ALA A 46 0.84 17.81 13.04
CA ALA A 46 1.39 17.68 14.41
C ALA A 46 1.06 16.31 15.04
N GLY A 47 0.15 15.53 14.46
CA GLY A 47 -0.33 14.29 15.11
C GLY A 47 0.74 13.27 15.45
N GLN A 48 0.47 12.49 16.49
CA GLN A 48 1.36 11.43 17.05
C GLN A 48 1.39 10.16 16.19
N THR A 49 2.31 9.25 16.54
CA THR A 49 2.63 7.96 15.89
C THR A 49 1.42 7.03 15.82
N PRO A 50 1.23 6.30 14.72
CA PRO A 50 0.13 5.37 14.57
C PRO A 50 0.23 4.19 15.54
N GLU A 51 -0.91 3.66 15.95
CA GLU A 51 -0.92 2.52 16.88
C GLU A 51 -1.20 1.22 16.13
N TYR A 52 -1.52 1.31 14.85
CA TYR A 52 -1.89 0.09 14.11
C TYR A 52 -1.06 -0.10 12.85
N LEU A 53 -0.63 -1.32 12.59
CA LEU A 53 -0.04 -1.67 11.29
C LEU A 53 -1.12 -2.46 10.57
N TYR A 54 -1.50 -1.99 9.41
CA TYR A 54 -2.53 -2.66 8.61
C TYR A 54 -1.88 -3.23 7.35
N ILE A 55 -2.05 -4.52 7.14
CA ILE A 55 -1.57 -5.17 5.89
C ILE A 55 -2.81 -5.62 5.14
N GLY A 56 -2.97 -5.09 3.94
CA GLY A 56 -4.18 -5.35 3.16
C GLY A 56 -3.88 -5.55 1.69
N CYS A 57 -4.90 -5.87 0.94
CA CYS A 57 -4.75 -6.09 -0.50
C CYS A 57 -4.80 -4.77 -1.27
N SER A 58 -4.02 -4.70 -2.33
CA SER A 58 -3.95 -3.57 -3.29
C SER A 58 -5.30 -3.36 -3.98
N ASP A 59 -6.03 -4.45 -4.27
CA ASP A 59 -7.31 -4.42 -5.06
C ASP A 59 -8.52 -4.41 -4.13
N SER A 60 -8.32 -4.25 -2.81
CA SER A 60 -9.42 -3.95 -1.87
C SER A 60 -9.82 -2.49 -2.15
N ARG A 61 -11.09 -2.16 -1.83
CA ARG A 61 -11.87 -1.07 -2.48
C ARG A 61 -12.19 0.05 -1.49
N VAL A 62 -11.78 -0.10 -0.23
CA VAL A 62 -11.99 0.92 0.83
C VAL A 62 -10.74 0.99 1.69
N PRO A 63 -10.21 2.19 1.96
CA PRO A 63 -9.01 2.30 2.77
C PRO A 63 -9.28 1.90 4.23
N ALA A 64 -8.22 1.42 4.86
CA ALA A 64 -8.20 0.83 6.22
C ALA A 64 -8.89 1.78 7.20
N ASN A 65 -8.45 3.03 7.27
CA ASN A 65 -8.89 3.98 8.33
C ASN A 65 -10.39 4.26 8.17
N GLU A 66 -10.94 4.22 6.96
CA GLU A 66 -12.41 4.39 6.72
C GLU A 66 -13.17 3.19 7.34
N ILE A 67 -12.85 1.96 6.89
CA ILE A 67 -13.38 0.65 7.36
C ILE A 67 -13.39 0.65 8.89
N MET A 68 -12.31 1.13 9.49
CA MET A 68 -12.01 1.01 10.94
C MET A 68 -12.51 2.24 11.70
N GLY A 69 -13.04 3.25 10.98
CA GLY A 69 -13.44 4.55 11.54
C GLY A 69 -12.34 5.21 12.36
N LEU A 70 -11.09 5.14 11.93
CA LEU A 70 -9.98 5.89 12.58
C LEU A 70 -9.68 7.11 11.71
N GLU A 71 -9.00 8.10 12.29
CA GLU A 71 -8.38 9.20 11.52
C GLU A 71 -7.14 8.59 10.86
N ALA A 72 -6.96 8.79 9.55
CA ALA A 72 -5.66 8.51 8.91
C ALA A 72 -4.58 9.36 9.63
N GLY A 73 -3.42 8.75 9.84
CA GLY A 73 -2.39 9.19 10.80
C GLY A 73 -2.28 8.16 11.90
N GLU A 74 -3.38 7.48 12.20
CA GLU A 74 -3.44 6.42 13.24
C GLU A 74 -3.07 5.04 12.68
N VAL A 75 -3.07 4.86 11.35
CA VAL A 75 -2.77 3.55 10.68
C VAL A 75 -1.55 3.65 9.75
N PHE A 76 -0.48 2.95 10.06
CA PHE A 76 0.66 2.65 9.16
C PHE A 76 0.22 1.51 8.24
N VAL A 77 0.31 1.69 6.93
CA VAL A 77 -0.38 0.81 5.94
C VAL A 77 0.62 0.17 4.98
N HIS A 78 0.45 -1.11 4.71
CA HIS A 78 1.05 -1.85 3.58
C HIS A 78 -0.08 -2.48 2.78
N ARG A 79 -0.09 -2.31 1.48
CA ARG A 79 -1.03 -3.05 0.60
C ARG A 79 -0.24 -3.70 -0.52
N ASN A 80 -0.58 -4.93 -0.86
CA ASN A 80 0.13 -5.71 -1.91
C ASN A 80 -0.88 -6.65 -2.56
N ILE A 81 -0.54 -7.34 -3.62
CA ILE A 81 -1.50 -8.27 -4.29
C ILE A 81 -1.78 -9.42 -3.33
N ALA A 82 -3.02 -9.52 -2.86
CA ALA A 82 -3.54 -10.68 -2.09
C ALA A 82 -3.03 -10.66 -0.65
N ASN A 83 -2.67 -9.48 -0.14
CA ASN A 83 -2.34 -9.25 1.30
C ASN A 83 -1.41 -10.37 1.80
N LEU A 84 -0.27 -10.55 1.15
CA LEU A 84 0.72 -11.59 1.47
C LEU A 84 1.83 -11.05 2.35
N VAL A 85 2.39 -11.97 3.13
CA VAL A 85 3.62 -11.79 3.91
C VAL A 85 4.58 -12.93 3.55
N PRO A 86 5.20 -12.95 2.36
CA PRO A 86 6.12 -14.03 1.99
C PRO A 86 7.44 -13.94 2.78
N ASN A 87 8.01 -15.09 3.14
CA ASN A 87 9.23 -15.20 4.01
C ASN A 87 10.36 -14.29 3.54
N THR A 88 10.67 -14.23 2.25
CA THR A 88 11.90 -13.56 1.80
C THR A 88 11.56 -12.23 1.14
N ASP A 89 10.39 -11.67 1.36
CA ASP A 89 10.01 -10.36 0.75
C ASP A 89 10.47 -9.25 1.67
N LEU A 90 11.52 -8.54 1.29
CA LEU A 90 12.10 -7.45 2.10
C LEU A 90 11.13 -6.26 2.16
N ASN A 91 10.28 -6.07 1.16
CA ASN A 91 9.29 -4.97 1.16
C ASN A 91 8.41 -5.12 2.42
N VAL A 92 7.70 -6.24 2.56
CA VAL A 92 6.77 -6.43 3.72
C VAL A 92 7.58 -6.61 5.02
N MET A 93 8.72 -7.29 5.00
CA MET A 93 9.46 -7.55 6.25
C MET A 93 10.00 -6.22 6.77
N SER A 94 10.38 -5.30 5.90
CA SER A 94 10.85 -3.97 6.37
C SER A 94 9.67 -3.14 6.93
N VAL A 95 8.46 -3.26 6.38
CA VAL A 95 7.24 -2.62 6.95
C VAL A 95 7.03 -3.13 8.39
N ILE A 96 7.07 -4.45 8.59
CA ILE A 96 6.82 -5.10 9.92
C ILE A 96 7.91 -4.65 10.90
N ASN A 97 9.17 -4.66 10.50
CA ASN A 97 10.28 -4.28 11.38
C ASN A 97 10.19 -2.80 11.76
N TYR A 98 9.92 -1.92 10.79
CA TYR A 98 9.75 -0.47 11.08
C TYR A 98 8.58 -0.25 12.04
N ALA A 99 7.45 -0.90 11.79
CA ALA A 99 6.22 -0.72 12.57
C ALA A 99 6.49 -1.10 14.01
N VAL A 100 7.19 -2.20 14.25
CA VAL A 100 7.42 -2.75 15.60
C VAL A 100 8.56 -1.98 16.28
N ARG A 101 9.70 -1.82 15.62
CA ARG A 101 10.94 -1.33 16.27
C ARG A 101 11.03 0.19 16.24
N HIS A 102 10.42 0.87 15.27
CA HIS A 102 10.47 2.35 15.14
C HIS A 102 9.16 2.94 15.67
N LEU A 103 8.00 2.43 15.28
CA LEU A 103 6.69 3.05 15.63
C LEU A 103 6.11 2.45 16.91
N GLN A 104 6.63 1.31 17.40
CA GLN A 104 6.15 0.64 18.65
C GLN A 104 4.62 0.41 18.56
N VAL A 105 4.14 0.04 17.39
CA VAL A 105 2.73 -0.28 17.08
C VAL A 105 2.22 -1.36 18.07
N LYS A 106 0.96 -1.27 18.49
CA LYS A 106 0.34 -2.14 19.54
C LYS A 106 -0.44 -3.25 18.84
N HIS A 107 -0.91 -3.01 17.62
CA HIS A 107 -1.72 -3.95 16.82
C HIS A 107 -1.14 -4.12 15.42
N ILE A 108 -1.12 -5.36 14.93
CA ILE A 108 -0.89 -5.66 13.52
C ILE A 108 -2.12 -6.39 13.03
N VAL A 109 -2.71 -5.89 11.97
CA VAL A 109 -3.89 -6.51 11.32
C VAL A 109 -3.50 -6.93 9.91
N VAL A 110 -3.78 -8.16 9.55
CA VAL A 110 -3.82 -8.60 8.15
C VAL A 110 -5.29 -8.66 7.81
N CYS A 111 -5.71 -7.92 6.78
CA CYS A 111 -7.10 -7.82 6.36
C CYS A 111 -7.22 -8.29 4.92
N GLY A 112 -7.93 -9.38 4.69
CA GLY A 112 -8.31 -9.85 3.35
C GLY A 112 -9.68 -9.35 3.00
N HIS A 113 -10.19 -9.73 1.84
CA HIS A 113 -11.52 -9.27 1.39
C HIS A 113 -12.01 -10.31 0.40
N TYR A 114 -13.32 -10.53 0.35
CA TYR A 114 -13.96 -11.39 -0.66
C TYR A 114 -13.94 -10.61 -1.99
N HIS A 115 -14.08 -11.29 -3.12
CA HIS A 115 -13.95 -10.68 -4.48
C HIS A 115 -12.54 -10.12 -4.64
N CYS A 116 -11.54 -10.89 -4.23
CA CYS A 116 -10.11 -10.53 -4.26
C CYS A 116 -9.59 -10.95 -5.61
N GLY A 117 -9.29 -10.00 -6.50
CA GLY A 117 -8.75 -10.30 -7.83
C GLY A 117 -7.41 -11.03 -7.72
N GLY A 118 -6.59 -10.68 -6.73
CA GLY A 118 -5.31 -11.35 -6.48
C GLY A 118 -5.47 -12.84 -6.26
N VAL A 119 -6.33 -13.23 -5.33
CA VAL A 119 -6.55 -14.67 -4.98
C VAL A 119 -7.19 -15.38 -6.18
N LYS A 120 -8.14 -14.74 -6.88
CA LYS A 120 -8.78 -15.30 -8.09
C LYS A 120 -7.69 -15.59 -9.12
N ALA A 121 -6.86 -14.60 -9.44
CA ALA A 121 -5.79 -14.71 -10.46
C ALA A 121 -4.84 -15.86 -10.11
N ALA A 122 -4.64 -16.17 -8.83
CA ALA A 122 -3.70 -17.24 -8.40
C ALA A 122 -4.20 -18.61 -8.87
N LEU A 123 -5.50 -18.80 -9.03
CA LEU A 123 -6.11 -20.11 -9.36
C LEU A 123 -6.31 -20.26 -10.88
N THR A 124 -6.14 -19.20 -11.67
CA THR A 124 -6.38 -19.26 -13.14
C THR A 124 -5.09 -19.69 -13.82
N PRO A 125 -5.13 -20.68 -14.72
CA PRO A 125 -3.92 -21.30 -15.23
C PRO A 125 -2.97 -20.42 -16.05
N SER A 126 -3.36 -19.16 -16.28
CA SER A 126 -2.58 -18.28 -17.18
C SER A 126 -1.13 -18.09 -16.71
N ASP A 127 -0.18 -17.95 -17.64
CA ASP A 127 1.22 -17.64 -17.22
C ASP A 127 1.24 -16.13 -17.06
N LEU A 128 1.47 -15.67 -15.84
CA LEU A 128 1.45 -14.23 -15.54
C LEU A 128 2.87 -13.68 -15.57
N GLY A 129 3.83 -14.48 -16.02
CA GLY A 129 5.22 -14.00 -16.07
C GLY A 129 5.72 -13.70 -14.69
N LEU A 130 6.06 -12.45 -14.44
CA LEU A 130 6.61 -11.95 -13.16
C LEU A 130 5.63 -12.15 -12.00
N LEU A 131 4.32 -12.13 -12.25
CA LEU A 131 3.29 -12.36 -11.21
C LEU A 131 3.26 -13.80 -10.70
N ASN A 132 3.74 -14.77 -11.46
CA ASN A 132 3.61 -16.19 -11.05
C ASN A 132 4.29 -16.46 -9.71
N PRO A 133 5.53 -16.02 -9.44
CA PRO A 133 6.15 -16.25 -8.15
C PRO A 133 5.41 -15.58 -6.99
N TRP A 134 4.86 -14.37 -7.20
CA TRP A 134 4.09 -13.70 -6.12
C TRP A 134 2.83 -14.49 -5.76
N LEU A 135 2.06 -14.90 -6.77
CA LEU A 135 0.78 -15.64 -6.62
C LEU A 135 1.00 -17.11 -6.23
N ARG A 136 2.22 -17.60 -6.34
CA ARG A 136 2.63 -18.96 -5.92
C ARG A 136 2.39 -19.10 -4.41
N ASN A 137 2.61 -18.04 -3.63
CA ASN A 137 2.35 -18.03 -2.18
C ASN A 137 0.88 -18.38 -1.92
N VAL A 138 -0.06 -17.86 -2.69
CA VAL A 138 -1.51 -18.21 -2.51
C VAL A 138 -1.71 -19.69 -2.84
N ARG A 139 -1.09 -20.16 -3.91
CA ARG A 139 -1.19 -21.59 -4.32
C ARG A 139 -0.62 -22.49 -3.23
N ASP A 140 0.43 -22.04 -2.54
CA ASP A 140 1.00 -22.77 -1.38
C ASP A 140 -0.06 -22.88 -0.27
N VAL A 141 -0.84 -21.83 -0.05
CA VAL A 141 -1.89 -21.87 1.01
C VAL A 141 -2.91 -22.97 0.65
N TYR A 142 -3.28 -23.06 -0.62
CA TYR A 142 -4.24 -24.06 -1.10
C TYR A 142 -3.68 -25.47 -0.86
N ARG A 143 -2.40 -25.70 -1.14
CA ARG A 143 -1.75 -27.01 -0.94
C ARG A 143 -1.71 -27.38 0.55
N LEU A 144 -1.39 -26.42 1.42
CA LEU A 144 -1.40 -26.61 2.90
C LEU A 144 -2.78 -27.05 3.42
N HIS A 145 -3.86 -26.81 2.67
CA HIS A 145 -5.26 -27.05 3.11
C HIS A 145 -6.03 -27.77 2.00
N GLU A 146 -5.36 -28.64 1.25
CA GLU A 146 -5.89 -29.23 -0.01
C GLU A 146 -7.15 -30.08 0.28
N GLN A 147 -7.14 -30.92 1.32
CA GLN A 147 -8.27 -31.83 1.55
C GLN A 147 -9.47 -30.98 2.00
N GLU A 148 -9.29 -30.01 2.91
CA GLU A 148 -10.38 -29.07 3.28
C GLU A 148 -10.95 -28.44 2.01
N LEU A 149 -10.12 -27.82 1.17
CA LEU A 149 -10.65 -27.00 0.04
C LEU A 149 -11.26 -27.90 -1.03
N ASP A 150 -10.69 -29.08 -1.30
CA ASP A 150 -11.19 -30.00 -2.35
C ASP A 150 -12.55 -30.59 -1.94
N GLY A 151 -12.83 -30.68 -0.63
CA GLY A 151 -14.13 -31.14 -0.08
C GLY A 151 -15.20 -30.06 -0.06
N ILE A 152 -14.93 -28.83 -0.48
CA ILE A 152 -15.95 -27.74 -0.58
C ILE A 152 -16.41 -27.69 -2.03
N GLN A 153 -17.66 -28.05 -2.30
CA GLN A 153 -18.12 -28.33 -3.69
C GLN A 153 -18.45 -27.01 -4.41
N ASP A 154 -19.10 -26.06 -3.74
CA ASP A 154 -19.46 -24.75 -4.36
C ASP A 154 -18.18 -23.93 -4.56
N ALA A 155 -17.87 -23.58 -5.82
CA ALA A 155 -16.67 -22.78 -6.24
C ALA A 155 -16.55 -21.52 -5.41
N THR A 156 -17.65 -20.79 -5.21
CA THR A 156 -17.68 -19.50 -4.46
C THR A 156 -17.28 -19.72 -3.00
N ALA A 157 -17.85 -20.74 -2.34
CA ALA A 157 -17.57 -21.05 -0.93
C ALA A 157 -16.11 -21.49 -0.79
N ARG A 158 -15.58 -22.24 -1.75
CA ARG A 158 -14.17 -22.70 -1.76
C ARG A 158 -13.25 -21.47 -1.86
N ALA A 159 -13.56 -20.56 -2.76
CA ALA A 159 -12.78 -19.32 -3.00
C ALA A 159 -12.81 -18.48 -1.72
N ARG A 160 -13.95 -18.35 -1.08
CA ARG A 160 -14.11 -17.58 0.18
C ARG A 160 -13.25 -18.22 1.26
N ARG A 161 -13.22 -19.55 1.32
CA ARG A 161 -12.44 -20.27 2.35
C ARG A 161 -10.94 -20.03 2.08
N LEU A 162 -10.53 -20.05 0.80
CA LEU A 162 -9.13 -19.75 0.40
C LEU A 162 -8.73 -18.33 0.88
N VAL A 163 -9.56 -17.34 0.63
CA VAL A 163 -9.29 -15.95 1.12
C VAL A 163 -9.04 -15.97 2.62
N GLU A 164 -9.83 -16.72 3.40
CA GLU A 164 -9.71 -16.75 4.89
C GLU A 164 -8.39 -17.41 5.28
N LEU A 165 -8.08 -18.53 4.65
CA LEU A 165 -6.86 -19.32 4.97
C LEU A 165 -5.62 -18.49 4.58
N ASN A 166 -5.69 -17.76 3.47
CA ASN A 166 -4.61 -16.83 3.04
C ASN A 166 -4.35 -15.80 4.15
N VAL A 167 -5.38 -15.19 4.72
CA VAL A 167 -5.22 -14.20 5.84
C VAL A 167 -4.55 -14.92 7.01
N ILE A 168 -5.01 -16.13 7.32
CA ILE A 168 -4.48 -16.85 8.51
C ILE A 168 -2.99 -17.12 8.29
N GLU A 169 -2.61 -17.54 7.08
CA GLU A 169 -1.17 -17.83 6.79
C GLU A 169 -0.35 -16.55 6.79
N SER A 170 -0.88 -15.44 6.27
CA SER A 170 -0.18 -14.13 6.35
C SER A 170 0.08 -13.78 7.81
N CYS A 171 -0.91 -13.94 8.67
CA CYS A 171 -0.81 -13.74 10.14
C CYS A 171 0.28 -14.62 10.77
N ARG A 172 0.28 -15.91 10.46
CA ARG A 172 1.34 -16.85 10.92
C ARG A 172 2.71 -16.30 10.51
N ASN A 173 2.83 -15.82 9.29
CA ASN A 173 4.14 -15.30 8.78
C ASN A 173 4.59 -14.05 9.57
N VAL A 174 3.64 -13.21 9.98
CA VAL A 174 3.96 -12.02 10.81
C VAL A 174 4.49 -12.50 12.16
N ILE A 175 3.80 -13.45 12.75
CA ILE A 175 4.11 -13.94 14.12
C ILE A 175 5.46 -14.66 14.09
N LYS A 176 5.93 -15.17 12.95
CA LYS A 176 7.29 -15.79 12.84
C LYS A 176 8.41 -14.74 12.88
N THR A 177 8.14 -13.46 12.65
CA THR A 177 9.24 -12.46 12.59
C THR A 177 9.87 -12.30 13.98
N ALA A 178 11.19 -12.13 14.03
CA ALA A 178 11.95 -11.87 15.25
C ALA A 178 11.44 -10.57 15.91
N ALA A 179 11.10 -9.57 15.10
CA ALA A 179 10.63 -8.26 15.63
C ALA A 179 9.40 -8.49 16.51
N VAL A 180 8.41 -9.27 16.04
CA VAL A 180 7.12 -9.43 16.73
C VAL A 180 7.34 -10.26 18.00
N GLN A 181 8.09 -11.35 17.87
CA GLN A 181 8.40 -12.29 18.98
C GLN A 181 9.16 -11.54 20.08
N GLN A 182 10.21 -10.78 19.75
CA GLN A 182 11.02 -10.06 20.77
C GLN A 182 10.17 -8.99 21.45
N SER A 183 9.45 -8.17 20.67
CA SER A 183 8.57 -7.11 21.22
C SER A 183 7.51 -7.75 22.12
N PHE A 184 6.91 -8.85 21.70
CA PHE A 184 5.79 -9.44 22.47
C PHE A 184 6.33 -9.98 23.80
N HIS A 185 7.53 -10.55 23.80
CA HIS A 185 8.21 -11.07 25.01
C HIS A 185 8.44 -9.90 25.98
N GLU A 186 9.01 -8.80 25.50
CA GLU A 186 9.46 -7.65 26.34
C GLU A 186 8.28 -6.81 26.85
N ARG A 187 7.17 -6.71 26.11
CA ARG A 187 6.19 -5.58 26.29
C ARG A 187 4.75 -6.03 26.04
N GLN A 188 4.54 -7.30 25.66
CA GLN A 188 3.19 -7.92 25.50
C GLN A 188 2.43 -7.21 24.38
N PHE A 189 3.15 -6.62 23.42
CA PHE A 189 2.59 -6.10 22.15
C PHE A 189 3.68 -6.14 21.08
N PRO A 190 3.34 -6.14 19.77
CA PRO A 190 1.96 -6.10 19.32
C PRO A 190 1.30 -7.47 19.32
N VAL A 191 -0.01 -7.45 19.24
CA VAL A 191 -0.82 -8.66 18.94
C VAL A 191 -1.21 -8.62 17.46
N VAL A 192 -1.38 -9.79 16.88
CA VAL A 192 -1.71 -9.92 15.44
C VAL A 192 -3.13 -10.44 15.33
N HIS A 193 -3.90 -9.81 14.45
CA HIS A 193 -5.30 -10.15 14.12
C HIS A 193 -5.43 -10.39 12.62
N GLY A 194 -6.26 -11.36 12.27
CA GLY A 194 -6.71 -11.62 10.90
C GLY A 194 -8.15 -11.19 10.77
N TRP A 195 -8.44 -10.28 9.83
CA TRP A 195 -9.81 -9.79 9.52
C TRP A 195 -10.14 -10.09 8.06
N ILE A 196 -11.43 -10.16 7.78
CA ILE A 196 -11.95 -10.24 6.39
C ILE A 196 -12.89 -9.05 6.26
N PHE A 197 -12.81 -8.31 5.16
CA PHE A 197 -13.75 -7.21 4.85
C PHE A 197 -14.68 -7.75 3.77
N ASP A 198 -15.99 -7.60 3.99
CA ASP A 198 -17.02 -8.08 3.04
C ASP A 198 -17.64 -6.86 2.35
N VAL A 199 -17.26 -6.62 1.11
CA VAL A 199 -17.71 -5.44 0.31
C VAL A 199 -19.25 -5.49 0.15
N GLU A 200 -19.87 -6.67 0.14
CA GLU A 200 -21.35 -6.81 -0.06
C GLU A 200 -22.11 -6.08 1.04
N THR A 201 -21.55 -6.01 2.25
CA THR A 201 -22.20 -5.54 3.51
C THR A 201 -21.42 -4.41 4.19
N GLY A 202 -20.13 -4.26 3.86
CA GLY A 202 -19.27 -3.26 4.51
C GLY A 202 -18.75 -3.72 5.86
N LEU A 203 -19.07 -4.95 6.26
CA LEU A 203 -18.74 -5.42 7.63
C LEU A 203 -17.37 -6.11 7.67
N LEU A 204 -16.59 -5.79 8.69
CA LEU A 204 -15.41 -6.58 9.14
C LEU A 204 -15.89 -7.84 9.87
N ARG A 205 -15.23 -8.97 9.65
CA ARG A 205 -15.32 -10.21 10.47
C ARG A 205 -13.93 -10.50 11.07
N ASP A 206 -13.86 -10.84 12.35
CA ASP A 206 -12.60 -11.30 12.99
C ASP A 206 -12.47 -12.80 12.73
N LEU A 207 -11.32 -13.27 12.21
CA LEU A 207 -11.04 -14.71 12.01
C LEU A 207 -10.54 -15.32 13.32
N GLU A 208 -10.30 -14.52 14.36
CA GLU A 208 -10.03 -15.01 15.74
C GLU A 208 -8.86 -16.01 15.66
N ILE A 209 -7.66 -15.46 15.50
CA ILE A 209 -6.45 -16.19 15.00
C ILE A 209 -5.79 -16.98 16.14
N ASP A 210 -6.02 -16.62 17.41
CA ASP A 210 -5.36 -17.23 18.60
C ASP A 210 -3.84 -16.99 18.51
N PHE A 211 -3.49 -15.74 18.77
CA PHE A 211 -2.11 -15.22 18.69
C PHE A 211 -1.22 -16.10 19.58
N GLU A 212 -1.55 -16.22 20.87
CA GLU A 212 -0.72 -16.88 21.90
C GLU A 212 -0.50 -18.36 21.53
N GLU A 213 -1.55 -19.05 21.07
CA GLU A 213 -1.44 -20.47 20.64
C GLU A 213 -0.51 -20.56 19.42
N THR A 214 -0.72 -19.69 18.42
CA THR A 214 0.11 -19.66 17.17
C THR A 214 1.56 -19.34 17.54
N LEU A 215 1.76 -18.36 18.41
CA LEU A 215 3.12 -17.96 18.87
C LEU A 215 3.84 -19.16 19.48
N ARG A 216 3.19 -19.89 20.40
CA ARG A 216 3.75 -21.14 20.99
C ARG A 216 4.01 -22.16 19.86
N ASP A 217 3.01 -22.44 19.02
CA ASP A 217 3.11 -23.46 17.93
C ASP A 217 4.39 -23.22 17.12
N ILE A 218 4.73 -21.94 16.86
CA ILE A 218 5.84 -21.52 15.95
C ILE A 218 7.17 -21.69 16.68
N LYS A 219 7.21 -21.37 17.97
CA LYS A 219 8.45 -21.41 18.82
C LYS A 219 8.88 -22.86 19.07
N LYS A 220 8.03 -23.85 18.80
CA LYS A 220 8.27 -25.28 19.14
C LYS A 220 9.63 -25.73 18.59
N ILE A 221 9.87 -25.55 17.29
CA ILE A 221 11.05 -26.17 16.62
C ILE A 221 12.33 -25.70 17.32
N TYR A 222 12.46 -24.41 17.65
CA TYR A 222 13.63 -23.88 18.41
C TYR A 222 13.44 -24.22 19.89
N LYS B 16 -6.81 -4.69 24.20
CA LYS B 16 -7.79 -5.76 23.87
C LYS B 16 -9.19 -5.16 23.67
N GLN B 17 -9.59 -4.18 24.49
CA GLN B 17 -10.81 -3.35 24.28
C GLN B 17 -10.73 -2.68 22.90
N SER B 18 -9.53 -2.42 22.39
CA SER B 18 -9.25 -1.87 21.03
C SER B 18 -10.03 -2.65 19.97
N HIS B 19 -10.08 -3.97 20.06
CA HIS B 19 -10.82 -4.83 19.10
C HIS B 19 -12.27 -4.34 18.97
N GLU B 20 -12.98 -4.26 20.10
CA GLU B 20 -14.42 -3.90 20.20
C GLU B 20 -14.63 -2.50 19.62
N ARG B 21 -13.69 -1.62 19.88
CA ARG B 21 -13.74 -0.22 19.44
C ARG B 21 -13.80 -0.21 17.91
N ILE B 22 -12.94 -0.99 17.26
CA ILE B 22 -12.88 -1.01 15.77
C ILE B 22 -14.16 -1.60 15.19
N PHE B 23 -14.65 -2.69 15.75
CA PHE B 23 -15.85 -3.36 15.22
C PHE B 23 -17.06 -2.43 15.37
N GLU B 24 -17.14 -1.72 16.48
CA GLU B 24 -18.22 -0.73 16.69
C GLU B 24 -18.12 0.39 15.65
N ASN B 25 -16.90 0.87 15.40
CA ASN B 25 -16.72 1.94 14.38
C ASN B 25 -17.14 1.41 13.01
N ASN B 26 -16.78 0.18 12.71
CA ASN B 26 -17.13 -0.41 11.40
C ASN B 26 -18.65 -0.45 11.26
N ARG B 27 -19.36 -0.88 12.30
CA ARG B 27 -20.84 -0.93 12.24
C ARG B 27 -21.39 0.49 12.05
N ALA B 28 -20.87 1.47 12.79
CA ALA B 28 -21.40 2.84 12.65
C ALA B 28 -21.15 3.35 11.23
N TRP B 29 -19.96 3.07 10.69
CA TRP B 29 -19.56 3.52 9.34
C TRP B 29 -20.49 2.89 8.32
N VAL B 30 -20.83 1.62 8.50
CA VAL B 30 -21.77 0.94 7.57
C VAL B 30 -23.13 1.65 7.64
N ALA B 31 -23.60 2.00 8.84
CA ALA B 31 -24.92 2.66 8.98
C ALA B 31 -24.91 4.04 8.31
N THR B 32 -23.88 4.82 8.57
CA THR B 32 -23.78 6.18 8.00
C THR B 32 -23.70 6.06 6.48
N LYS B 33 -22.88 5.14 6.00
CA LYS B 33 -22.70 4.95 4.55
C LYS B 33 -24.04 4.51 3.95
N MET B 34 -24.76 3.60 4.60
CA MET B 34 -26.07 3.19 4.03
C MET B 34 -26.99 4.41 4.03
N LYS B 35 -27.07 5.13 5.16
CA LYS B 35 -27.96 6.31 5.24
C LYS B 35 -27.52 7.40 4.26
N ASP B 36 -26.23 7.73 4.25
CA ASP B 36 -25.77 8.80 3.32
C ASP B 36 -25.82 8.35 1.86
N ASP B 37 -25.33 7.16 1.55
CA ASP B 37 -25.33 6.79 0.12
C ASP B 37 -26.07 5.47 -0.10
N PRO B 38 -27.20 5.50 -0.81
CA PRO B 38 -28.04 4.31 -0.99
C PRO B 38 -27.43 3.08 -1.67
N ALA B 39 -26.65 3.28 -2.74
CA ALA B 39 -26.13 2.14 -3.52
C ALA B 39 -24.61 1.99 -3.39
N PHE B 40 -24.02 2.56 -2.35
CA PHE B 40 -22.53 2.52 -2.24
C PHE B 40 -21.98 1.09 -2.20
N PHE B 41 -22.55 0.23 -1.37
CA PHE B 41 -22.09 -1.19 -1.28
C PHE B 41 -22.42 -1.94 -2.56
N GLU B 42 -23.58 -1.62 -3.14
CA GLU B 42 -23.99 -2.27 -4.41
C GLU B 42 -22.98 -1.88 -5.48
N LYS B 43 -22.65 -0.59 -5.51
CA LYS B 43 -21.68 -0.09 -6.50
C LYS B 43 -20.32 -0.72 -6.21
N LEU B 44 -19.93 -0.74 -4.94
CA LEU B 44 -18.60 -1.28 -4.54
C LEU B 44 -18.52 -2.76 -4.91
N SER B 45 -19.59 -3.53 -4.65
CA SER B 45 -19.64 -4.99 -4.96
C SER B 45 -19.76 -5.25 -6.47
N ALA B 46 -20.22 -4.26 -7.23
CA ALA B 46 -20.24 -4.29 -8.71
C ALA B 46 -18.81 -4.04 -9.18
N GLY B 47 -18.41 -4.50 -10.37
CA GLY B 47 -17.00 -4.27 -10.72
C GLY B 47 -16.73 -2.92 -11.35
N GLN B 48 -15.79 -2.16 -10.77
CA GLN B 48 -15.32 -0.89 -11.40
C GLN B 48 -13.81 -1.05 -11.61
N THR B 49 -13.31 -0.90 -12.83
CA THR B 49 -11.85 -1.05 -13.04
C THR B 49 -11.15 0.25 -12.69
N PRO B 50 -10.14 0.24 -11.80
CA PRO B 50 -9.44 1.45 -11.41
C PRO B 50 -8.71 2.09 -12.60
N GLU B 51 -8.65 3.42 -12.60
CA GLU B 51 -7.91 4.14 -13.67
C GLU B 51 -6.49 4.44 -13.20
N TYR B 52 -6.24 4.28 -11.91
CA TYR B 52 -4.94 4.68 -11.37
C TYR B 52 -4.23 3.63 -10.52
N LEU B 53 -2.94 3.47 -10.76
CA LEU B 53 -2.06 2.85 -9.73
C LEU B 53 -1.38 3.97 -8.96
N TYR B 54 -1.52 3.96 -7.64
CA TYR B 54 -0.86 4.90 -6.72
C TYR B 54 0.14 4.11 -5.88
N ILE B 55 1.40 4.55 -5.93
CA ILE B 55 2.49 4.04 -5.08
C ILE B 55 2.84 5.17 -4.10
N GLY B 56 2.59 4.92 -2.82
CA GLY B 56 2.82 5.91 -1.77
C GLY B 56 3.54 5.29 -0.60
N CYS B 57 3.73 6.08 0.44
CA CYS B 57 4.48 5.69 1.62
C CYS B 57 3.53 5.10 2.65
N SER B 58 3.98 4.06 3.35
CA SER B 58 3.26 3.45 4.49
C SER B 58 2.97 4.51 5.58
N ASP B 59 3.87 5.48 5.81
CA ASP B 59 3.79 6.44 6.96
C ASP B 59 3.17 7.77 6.53
N SER B 60 2.68 7.86 5.29
CA SER B 60 1.84 9.00 4.83
C SER B 60 0.48 8.86 5.52
N ARG B 61 -0.28 9.96 5.65
CA ARG B 61 -1.27 10.23 6.73
C ARG B 61 -2.69 10.34 6.18
N VAL B 62 -2.90 10.28 4.87
CA VAL B 62 -4.24 10.44 4.23
C VAL B 62 -4.31 9.52 3.01
N PRO B 63 -5.40 8.75 2.84
CA PRO B 63 -5.47 7.81 1.72
C PRO B 63 -5.59 8.54 0.37
N ALA B 64 -5.07 7.90 -0.66
CA ALA B 64 -4.90 8.43 -2.03
C ALA B 64 -6.23 9.00 -2.54
N ASN B 65 -7.31 8.21 -2.46
CA ASN B 65 -8.61 8.55 -3.08
C ASN B 65 -9.20 9.81 -2.44
N GLU B 66 -8.93 10.07 -1.15
CA GLU B 66 -9.34 11.31 -0.43
C GLU B 66 -8.63 12.52 -1.07
N ILE B 67 -7.30 12.50 -1.04
CA ILE B 67 -6.37 13.53 -1.61
C ILE B 67 -6.82 13.86 -3.04
N MET B 68 -7.18 12.84 -3.80
CA MET B 68 -7.43 12.92 -5.27
C MET B 68 -8.90 13.19 -5.55
N GLY B 69 -9.74 13.22 -4.51
CA GLY B 69 -11.22 13.29 -4.64
C GLY B 69 -11.78 12.26 -5.61
N LEU B 70 -11.25 11.03 -5.60
CA LEU B 70 -11.87 9.91 -6.36
C LEU B 70 -12.64 9.05 -5.35
N GLU B 71 -13.56 8.23 -5.85
CA GLU B 71 -14.16 7.14 -5.04
C GLU B 71 -13.09 6.05 -4.95
N ALA B 72 -12.86 5.51 -3.76
CA ALA B 72 -12.09 4.26 -3.59
C ALA B 72 -12.78 3.17 -4.43
N GLY B 73 -11.97 2.38 -5.13
CA GLY B 73 -12.39 1.53 -6.26
C GLY B 73 -11.78 2.06 -7.54
N GLU B 74 -11.52 3.37 -7.59
CA GLU B 74 -10.86 4.01 -8.75
C GLU B 74 -9.32 3.96 -8.63
N VAL B 75 -8.76 3.70 -7.45
CA VAL B 75 -7.28 3.66 -7.21
C VAL B 75 -6.84 2.29 -6.68
N PHE B 76 -6.04 1.57 -7.47
CA PHE B 76 -5.24 0.39 -7.07
C PHE B 76 -4.02 0.92 -6.29
N VAL B 77 -3.80 0.46 -5.06
CA VAL B 77 -2.84 1.11 -4.12
C VAL B 77 -1.73 0.15 -3.69
N HIS B 78 -0.50 0.64 -3.72
CA HIS B 78 0.66 0.04 -3.04
C HIS B 78 1.26 1.09 -2.14
N ARG B 79 1.52 0.74 -0.90
CA ARG B 79 2.24 1.61 0.06
C ARG B 79 3.40 0.80 0.64
N ASN B 80 4.58 1.41 0.74
CA ASN B 80 5.78 0.74 1.30
C ASN B 80 6.61 1.83 1.99
N ILE B 81 7.69 1.46 2.70
CA ILE B 81 8.51 2.47 3.41
C ILE B 81 9.24 3.32 2.37
N ALA B 82 8.86 4.58 2.29
CA ALA B 82 9.55 5.65 1.52
C ALA B 82 9.20 5.53 0.05
N ASN B 83 8.04 4.94 -0.27
CA ASN B 83 7.46 4.90 -1.64
C ASN B 83 8.57 4.52 -2.64
N LEU B 84 9.19 3.36 -2.45
CA LEU B 84 10.30 2.89 -3.31
C LEU B 84 9.79 1.95 -4.38
N VAL B 85 10.52 1.92 -5.49
CA VAL B 85 10.39 0.91 -6.57
C VAL B 85 11.75 0.28 -6.85
N PRO B 86 12.28 -0.57 -5.95
CA PRO B 86 13.60 -1.17 -6.15
C PRO B 86 13.56 -2.23 -7.26
N ASN B 87 14.65 -2.34 -8.02
CA ASN B 87 14.78 -3.22 -9.23
C ASN B 87 14.36 -4.66 -8.92
N THR B 88 14.79 -5.23 -7.81
CA THR B 88 14.61 -6.68 -7.61
C THR B 88 13.50 -6.95 -6.58
N ASP B 89 12.61 -5.99 -6.31
CA ASP B 89 11.54 -6.20 -5.32
C ASP B 89 10.32 -6.76 -6.06
N LEU B 90 10.05 -8.03 -5.90
CA LEU B 90 8.89 -8.70 -6.54
C LEU B 90 7.56 -8.16 -6.02
N ASN B 91 7.51 -7.66 -4.80
CA ASN B 91 6.27 -7.11 -4.20
C ASN B 91 5.81 -5.94 -5.10
N VAL B 92 6.62 -4.90 -5.27
CA VAL B 92 6.22 -3.71 -6.08
C VAL B 92 6.16 -4.08 -7.57
N MET B 93 7.06 -4.93 -8.07
CA MET B 93 7.07 -5.27 -9.51
C MET B 93 5.78 -6.03 -9.84
N SER B 94 5.28 -6.85 -8.94
CA SER B 94 4.05 -7.62 -9.23
C SER B 94 2.84 -6.66 -9.19
N VAL B 95 2.84 -5.65 -8.33
CA VAL B 95 1.80 -4.58 -8.32
C VAL B 95 1.77 -3.92 -9.70
N ILE B 96 2.93 -3.47 -10.21
CA ILE B 96 3.04 -2.73 -11.49
C ILE B 96 2.57 -3.64 -12.61
N ASN B 97 3.04 -4.88 -12.65
CA ASN B 97 2.68 -5.83 -13.72
C ASN B 97 1.17 -6.09 -13.73
N TYR B 98 0.58 -6.34 -12.57
CA TYR B 98 -0.88 -6.58 -12.46
C TYR B 98 -1.64 -5.33 -12.92
N ALA B 99 -1.25 -4.16 -12.45
CA ALA B 99 -1.94 -2.89 -12.76
C ALA B 99 -1.95 -2.68 -14.28
N VAL B 100 -0.85 -2.94 -14.96
CA VAL B 100 -0.70 -2.66 -16.40
C VAL B 100 -1.32 -3.79 -17.21
N ARG B 101 -0.99 -5.04 -16.94
CA ARG B 101 -1.36 -6.18 -17.81
C ARG B 101 -2.75 -6.72 -17.47
N HIS B 102 -3.22 -6.59 -16.24
CA HIS B 102 -4.51 -7.16 -15.78
C HIS B 102 -5.55 -6.04 -15.69
N LEU B 103 -5.24 -4.93 -15.02
CA LEU B 103 -6.22 -3.83 -14.83
C LEU B 103 -6.20 -2.82 -15.99
N GLN B 104 -5.16 -2.82 -16.87
CA GLN B 104 -4.99 -1.85 -17.99
C GLN B 104 -5.20 -0.42 -17.50
N VAL B 105 -4.62 -0.12 -16.36
CA VAL B 105 -4.54 1.22 -15.72
C VAL B 105 -3.94 2.23 -16.71
N LYS B 106 -4.42 3.46 -16.73
CA LYS B 106 -4.01 4.50 -17.71
C LYS B 106 -2.97 5.45 -17.09
N HIS B 107 -2.97 5.54 -15.77
CA HIS B 107 -2.05 6.38 -14.97
C HIS B 107 -1.37 5.54 -13.88
N ILE B 108 -0.07 5.76 -13.72
CA ILE B 108 0.69 5.35 -12.53
C ILE B 108 1.21 6.62 -11.89
N VAL B 109 0.99 6.74 -10.59
CA VAL B 109 1.50 7.85 -9.76
C VAL B 109 2.44 7.30 -8.70
N VAL B 110 3.60 7.92 -8.53
CA VAL B 110 4.37 7.75 -7.29
C VAL B 110 4.16 9.04 -6.52
N CYS B 111 3.71 8.93 -5.28
CA CYS B 111 3.46 10.10 -4.43
C CYS B 111 4.29 10.00 -3.16
N GLY B 112 5.16 10.90 -2.96
CA GLY B 112 5.93 11.11 -1.74
C GLY B 112 5.23 12.10 -0.84
N HIS B 113 5.83 12.40 0.31
CA HIS B 113 5.22 13.35 1.26
C HIS B 113 6.37 13.90 2.08
N TYR B 114 6.26 15.16 2.49
CA TYR B 114 7.22 15.80 3.42
C TYR B 114 6.95 15.19 4.82
N HIS B 115 7.89 15.30 5.79
CA HIS B 115 7.83 14.67 7.14
C HIS B 115 7.74 13.14 6.96
N CYS B 116 8.57 12.59 6.07
CA CYS B 116 8.58 11.14 5.72
C CYS B 116 9.56 10.47 6.65
N GLY B 117 9.07 9.69 7.61
CA GLY B 117 9.97 9.01 8.57
C GLY B 117 10.88 8.02 7.86
N GLY B 118 10.40 7.35 6.81
CA GLY B 118 11.23 6.39 6.03
C GLY B 118 12.48 7.05 5.49
N VAL B 119 12.33 8.20 4.81
CA VAL B 119 13.47 8.93 4.20
C VAL B 119 14.40 9.45 5.30
N LYS B 120 13.85 9.98 6.39
CA LYS B 120 14.66 10.49 7.54
C LYS B 120 15.51 9.34 8.09
N ALA B 121 14.89 8.19 8.36
CA ALA B 121 15.55 7.01 8.95
C ALA B 121 16.75 6.58 8.07
N ALA B 122 16.65 6.78 6.76
CA ALA B 122 17.67 6.33 5.78
C ALA B 122 18.97 7.10 5.99
N LEU B 123 18.90 8.34 6.47
CA LEU B 123 20.08 9.23 6.57
C LEU B 123 20.82 9.05 7.88
N THR B 124 20.22 8.41 8.88
CA THR B 124 20.83 8.27 10.23
C THR B 124 21.75 7.04 10.21
N PRO B 125 23.01 7.20 10.68
CA PRO B 125 24.06 6.22 10.42
C PRO B 125 23.95 4.87 11.14
N SER B 126 22.79 4.54 11.72
CA SER B 126 22.57 3.30 12.50
C SER B 126 22.56 2.07 11.59
N ASP B 127 22.96 0.92 12.13
CA ASP B 127 22.66 -0.42 11.57
C ASP B 127 21.26 -0.81 12.06
N LEU B 128 20.28 -0.77 11.15
CA LEU B 128 18.85 -1.09 11.39
C LEU B 128 18.58 -2.53 10.93
N GLY B 129 19.59 -3.42 11.00
CA GLY B 129 19.55 -4.82 10.52
C GLY B 129 18.83 -4.97 9.18
N LEU B 130 17.65 -5.59 9.22
CA LEU B 130 16.83 -5.94 8.05
C LEU B 130 16.42 -4.69 7.24
N LEU B 131 16.25 -3.54 7.88
CA LEU B 131 15.85 -2.26 7.22
C LEU B 131 16.95 -1.69 6.32
N ASN B 132 18.22 -2.01 6.61
CA ASN B 132 19.38 -1.40 5.92
C ASN B 132 19.25 -1.55 4.41
N PRO B 133 19.09 -2.77 3.84
CA PRO B 133 19.05 -2.89 2.40
C PRO B 133 17.84 -2.18 1.76
N TRP B 134 16.71 -2.07 2.46
CA TRP B 134 15.53 -1.32 1.96
C TRP B 134 15.89 0.18 1.84
N LEU B 135 16.35 0.78 2.92
CA LEU B 135 16.65 2.23 3.00
C LEU B 135 17.92 2.55 2.21
N ARG B 136 18.75 1.55 1.93
CA ARG B 136 19.92 1.77 1.07
C ARG B 136 19.46 2.41 -0.25
N ASN B 137 18.27 2.07 -0.74
CA ASN B 137 17.73 2.63 -2.00
C ASN B 137 17.67 4.16 -1.89
N VAL B 138 17.29 4.69 -0.74
CA VAL B 138 17.18 6.16 -0.53
C VAL B 138 18.59 6.74 -0.52
N ARG B 139 19.53 6.09 0.15
CA ARG B 139 20.93 6.59 0.23
C ARG B 139 21.53 6.58 -1.17
N ASP B 140 21.12 5.65 -2.04
CA ASP B 140 21.58 5.64 -3.45
C ASP B 140 21.00 6.87 -4.18
N VAL B 141 19.78 7.29 -3.89
CA VAL B 141 19.21 8.52 -4.51
C VAL B 141 20.07 9.72 -4.10
N TYR B 142 20.46 9.80 -2.83
CA TYR B 142 21.32 10.86 -2.26
C TYR B 142 22.62 10.89 -3.05
N ARG B 143 23.27 9.75 -3.27
CA ARG B 143 24.59 9.67 -3.96
C ARG B 143 24.44 10.03 -5.45
N LEU B 144 23.38 9.61 -6.12
CA LEU B 144 23.07 10.03 -7.52
C LEU B 144 22.93 11.57 -7.64
N HIS B 145 22.66 12.29 -6.54
CA HIS B 145 22.34 13.74 -6.57
C HIS B 145 23.13 14.44 -5.48
N GLU B 146 24.35 13.97 -5.21
CA GLU B 146 25.18 14.43 -4.06
C GLU B 146 25.48 15.94 -4.15
N GLN B 147 25.85 16.44 -5.32
CA GLN B 147 26.26 17.85 -5.51
C GLN B 147 25.04 18.73 -5.23
N GLU B 148 23.92 18.42 -5.86
CA GLU B 148 22.65 19.15 -5.63
C GLU B 148 22.36 19.18 -4.13
N LEU B 149 22.36 18.04 -3.46
CA LEU B 149 21.87 17.97 -2.06
C LEU B 149 22.87 18.67 -1.13
N ASP B 150 24.16 18.52 -1.36
CA ASP B 150 25.23 19.06 -0.48
C ASP B 150 25.29 20.58 -0.61
N GLY B 151 24.80 21.14 -1.72
CA GLY B 151 24.68 22.60 -1.96
C GLY B 151 23.51 23.24 -1.24
N ILE B 152 22.62 22.45 -0.64
CA ILE B 152 21.48 22.97 0.16
C ILE B 152 21.90 22.97 1.63
N GLN B 153 22.07 24.15 2.22
CA GLN B 153 22.70 24.28 3.57
C GLN B 153 21.65 23.98 4.65
N ASP B 154 20.41 24.43 4.48
CA ASP B 154 19.34 24.22 5.48
C ASP B 154 18.94 22.74 5.48
N ALA B 155 19.12 22.04 6.62
CA ALA B 155 18.77 20.61 6.85
C ALA B 155 17.36 20.30 6.35
N THR B 156 16.38 21.14 6.67
CA THR B 156 14.95 20.93 6.34
C THR B 156 14.75 20.98 4.82
N ALA B 157 15.34 21.99 4.15
CA ALA B 157 15.17 22.16 2.68
C ALA B 157 15.89 21.01 1.97
N ARG B 158 17.01 20.53 2.53
CA ARG B 158 17.78 19.40 1.97
C ARG B 158 16.92 18.14 2.04
N ALA B 159 16.32 17.90 3.21
CA ALA B 159 15.43 16.75 3.45
C ALA B 159 14.26 16.79 2.48
N ARG B 160 13.66 17.95 2.28
CA ARG B 160 12.51 18.13 1.37
C ARG B 160 12.93 17.79 -0.06
N ARG B 161 14.13 18.24 -0.45
CA ARG B 161 14.65 17.99 -1.82
C ARG B 161 14.91 16.48 -1.96
N LEU B 162 15.44 15.81 -0.93
CA LEU B 162 15.67 14.34 -0.96
C LEU B 162 14.33 13.60 -1.19
N VAL B 163 13.28 13.96 -0.45
CA VAL B 163 11.93 13.36 -0.68
C VAL B 163 11.52 13.52 -2.15
N GLU B 164 11.78 14.66 -2.77
CA GLU B 164 11.37 14.92 -4.17
C GLU B 164 12.20 14.05 -5.13
N LEU B 165 13.51 13.98 -4.90
CA LEU B 165 14.44 13.22 -5.76
C LEU B 165 14.13 11.72 -5.63
N ASN B 166 13.76 11.28 -4.42
CA ASN B 166 13.35 9.88 -4.18
C ASN B 166 12.12 9.56 -5.04
N VAL B 167 11.10 10.43 -5.06
CA VAL B 167 9.90 10.26 -5.92
C VAL B 167 10.33 10.17 -7.37
N ILE B 168 11.23 11.05 -7.79
CA ILE B 168 11.63 11.11 -9.22
C ILE B 168 12.30 9.80 -9.58
N GLU B 169 13.19 9.30 -8.72
CA GLU B 169 13.91 8.03 -9.04
C GLU B 169 12.92 6.85 -8.99
N SER B 170 11.97 6.84 -8.06
CA SER B 170 10.91 5.78 -8.04
C SER B 170 10.15 5.79 -9.37
N CYS B 171 9.74 6.97 -9.85
CA CYS B 171 9.08 7.16 -11.17
C CYS B 171 9.93 6.61 -12.31
N ARG B 172 11.22 6.97 -12.35
CA ARG B 172 12.15 6.42 -13.36
C ARG B 172 12.11 4.89 -13.30
N ASN B 173 12.08 4.30 -12.10
CA ASN B 173 12.12 2.82 -11.97
C ASN B 173 10.82 2.21 -12.53
N VAL B 174 9.69 2.88 -12.36
CA VAL B 174 8.41 2.41 -12.94
C VAL B 174 8.53 2.43 -14.47
N ILE B 175 9.07 3.51 -15.03
CA ILE B 175 9.16 3.68 -16.50
C ILE B 175 10.12 2.62 -17.05
N LYS B 176 11.09 2.17 -16.28
CA LYS B 176 12.05 1.11 -16.73
C LYS B 176 11.39 -0.27 -16.79
N THR B 177 10.24 -0.50 -16.15
CA THR B 177 9.62 -1.85 -16.18
C THR B 177 9.22 -2.20 -17.63
N ALA B 178 9.41 -3.44 -18.03
CA ALA B 178 9.01 -3.96 -19.35
C ALA B 178 7.49 -3.78 -19.51
N ALA B 179 6.72 -3.97 -18.44
CA ALA B 179 5.24 -3.81 -18.49
C ALA B 179 4.89 -2.43 -19.04
N VAL B 180 5.47 -1.38 -18.50
CA VAL B 180 5.08 0.01 -18.83
C VAL B 180 5.58 0.33 -20.22
N GLN B 181 6.82 -0.06 -20.52
CA GLN B 181 7.47 0.21 -21.84
C GLN B 181 6.69 -0.49 -22.95
N GLN B 182 6.37 -1.77 -22.79
CA GLN B 182 5.68 -2.54 -23.86
C GLN B 182 4.28 -2.01 -24.03
N SER B 183 3.54 -1.82 -22.93
CA SER B 183 2.16 -1.26 -22.97
C SER B 183 2.20 0.11 -23.62
N PHE B 184 3.14 0.99 -23.24
CA PHE B 184 3.12 2.37 -23.79
C PHE B 184 3.43 2.32 -25.30
N HIS B 185 4.33 1.45 -25.73
CA HIS B 185 4.71 1.29 -27.16
C HIS B 185 3.48 0.81 -27.95
N GLU B 186 2.80 -0.22 -27.46
CA GLU B 186 1.73 -0.91 -28.22
C GLU B 186 0.40 -0.16 -28.14
N ARG B 187 0.17 0.67 -27.13
CA ARG B 187 -1.21 1.12 -26.76
C ARG B 187 -1.24 2.56 -26.26
N GLN B 188 -0.09 3.21 -26.08
CA GLN B 188 0.02 4.64 -25.68
C GLN B 188 -0.57 4.88 -24.28
N PHE B 189 -0.52 3.88 -23.39
CA PHE B 189 -0.74 4.04 -21.91
C PHE B 189 -0.02 2.90 -21.18
N PRO B 190 0.28 2.99 -19.87
CA PRO B 190 -0.03 4.16 -19.06
C PRO B 190 1.06 5.25 -19.14
N VAL B 191 0.76 6.42 -18.61
CA VAL B 191 1.76 7.49 -18.31
C VAL B 191 2.08 7.45 -16.81
N VAL B 192 3.26 7.94 -16.45
CA VAL B 192 3.74 7.92 -15.05
C VAL B 192 3.93 9.38 -14.64
N HIS B 193 3.52 9.71 -13.43
CA HIS B 193 3.65 11.04 -12.78
C HIS B 193 4.26 10.85 -11.39
N GLY B 194 5.05 11.84 -10.95
CA GLY B 194 5.56 11.95 -9.58
C GLY B 194 4.90 13.12 -8.91
N TRP B 195 4.36 12.91 -7.72
CA TRP B 195 3.67 13.94 -6.92
C TRP B 195 4.26 14.01 -5.52
N ILE B 196 4.09 15.15 -4.90
CA ILE B 196 4.47 15.33 -3.48
C ILE B 196 3.19 15.78 -2.77
N PHE B 197 2.83 15.11 -1.67
CA PHE B 197 1.66 15.55 -0.88
C PHE B 197 2.20 16.37 0.29
N ASP B 198 1.66 17.56 0.49
CA ASP B 198 2.15 18.40 1.61
C ASP B 198 1.08 18.41 2.71
N VAL B 199 1.38 17.82 3.87
CA VAL B 199 0.42 17.77 5.01
C VAL B 199 0.12 19.16 5.55
N GLU B 200 1.06 20.09 5.48
CA GLU B 200 0.84 21.45 6.01
C GLU B 200 -0.33 22.11 5.28
N THR B 201 -0.48 21.92 3.99
CA THR B 201 -1.57 22.57 3.22
C THR B 201 -2.57 21.58 2.65
N GLY B 202 -2.23 20.30 2.57
CA GLY B 202 -3.09 19.27 1.97
C GLY B 202 -3.06 19.29 0.44
N LEU B 203 -2.17 20.06 -0.16
CA LEU B 203 -2.09 20.21 -1.63
C LEU B 203 -1.10 19.24 -2.27
N LEU B 204 -1.48 18.71 -3.41
CA LEU B 204 -0.61 17.87 -4.25
C LEU B 204 0.20 18.81 -5.14
N ARG B 205 1.49 18.54 -5.28
CA ARG B 205 2.38 19.31 -6.19
C ARG B 205 2.94 18.32 -7.21
N ASP B 206 2.88 18.67 -8.49
CA ASP B 206 3.44 17.78 -9.54
C ASP B 206 4.94 18.07 -9.69
N LEU B 207 5.77 17.03 -9.74
CA LEU B 207 7.24 17.15 -9.88
C LEU B 207 7.61 17.22 -11.36
N GLU B 208 6.66 17.06 -12.28
CA GLU B 208 6.89 17.27 -13.73
C GLU B 208 8.12 16.46 -14.10
N ILE B 209 8.07 15.17 -13.77
CA ILE B 209 8.81 14.08 -14.45
C ILE B 209 8.39 14.19 -15.91
N ASP B 210 9.34 14.30 -16.81
CA ASP B 210 9.02 14.33 -18.27
C ASP B 210 8.94 12.87 -18.71
N PHE B 211 7.75 12.28 -18.71
CA PHE B 211 7.55 10.82 -19.02
C PHE B 211 8.23 10.50 -20.35
N GLU B 212 7.84 11.19 -21.42
CA GLU B 212 8.23 10.90 -22.83
C GLU B 212 9.75 11.02 -22.93
N GLU B 213 10.31 12.10 -22.36
CA GLU B 213 11.78 12.35 -22.37
C GLU B 213 12.49 11.22 -21.63
N THR B 214 12.00 10.87 -20.43
CA THR B 214 12.57 9.80 -19.56
C THR B 214 12.47 8.46 -20.26
N LEU B 215 11.31 8.17 -20.85
CA LEU B 215 11.10 6.90 -21.60
C LEU B 215 12.11 6.78 -22.74
N ARG B 216 12.31 7.83 -23.54
CA ARG B 216 13.36 7.84 -24.62
C ARG B 216 14.74 7.68 -23.97
N ASP B 217 15.07 8.47 -22.94
CA ASP B 217 16.38 8.40 -22.24
C ASP B 217 16.73 6.95 -21.90
N ILE B 218 15.74 6.17 -21.43
CA ILE B 218 15.91 4.80 -20.89
C ILE B 218 16.05 3.81 -22.05
N LYS B 219 15.32 4.01 -23.15
CA LYS B 219 15.33 3.12 -24.34
C LYS B 219 16.63 3.25 -25.13
N LYS B 220 17.47 4.25 -24.83
CA LYS B 220 18.76 4.51 -25.55
C LYS B 220 19.57 3.22 -25.66
N ILE B 221 19.85 2.57 -24.52
CA ILE B 221 20.50 1.22 -24.48
C ILE B 221 19.63 0.32 -25.36
N TYR B 222 20.24 -0.51 -26.21
CA TYR B 222 19.57 -1.24 -27.32
C TYR B 222 19.91 -0.56 -28.65
ZN ZN C . -7.57 -8.43 -3.16
ZN ZN D . 6.84 8.38 4.37
#